data_2BAG
#
_entry.id   2BAG
#
_cell.length_a   111.736
_cell.length_b   111.736
_cell.length_c   136.824
_cell.angle_alpha   90.00
_cell.angle_beta   90.00
_cell.angle_gamma   120.00
#
_symmetry.space_group_name_H-M   'P 31 2 1'
#
loop_
_entity.id
_entity.type
_entity.pdbx_description
1 polymer Acetylcholinesterase
2 non-polymer 2-acetamido-2-deoxy-beta-D-glucopyranose
3 non-polymer 'PENTAETHYLENE GLYCOL'
4 non-polymer '1S,3AS,8AS-TRIMETHYL-1-OXIDO-1,2,3,3A,8,8A-HEXAHYDROPYRROLO[2,3-B]INDOL-5-YL 2-ETHYLPHENYLCARBAMATE'
5 non-polymer '2-(N-MORPHOLINO)-ETHANESULFONIC ACID'
6 water water
#
_entity_poly.entity_id   1
_entity_poly.type   'polypeptide(L)'
_entity_poly.pdbx_seq_one_letter_code
;DDHSELLVNTKSGKVMGTRVPVLSSHISAFLGIPFAEPPVGNMRFRRPEPKKPWSGVWNASTYPNNCQQYVDEQFPGFSG
SEMWNPNREMSEDCLYLNIWVPSPRPKSTTVMVWIYGGGFYSGSSTLDVYNGKYLAYTEEVVLVSLSYRVGAFGFLALHG
SQEAPGNVGLLDQRMALQWVHDNIQFFGGDPKTVTIFGESAGGASVGMHILSPGSRDLFRRAILQSGSPNCPWASVSVAE
GRRRAVELGRNLNCNLNSDEELIHCLREKKPQELIDVEWNVLPFDSIFRFSFVPVIDGEFFPTSLESMLNSGNFKKTQIL
LGVNKDEGSFFLLYGAPGFSKDSESKISREDFMSGVKLSVPHANDLGLDAVTLQYTDWMDDNNGIKNRDGLDDIVGDHNV
ICPLMHFVNKYTKFGNGTYLYFFNHRASNLVWPEWMGVIHGYEIEFVFGLPLVKELNYTAEEEALSRRIMHYWATFAKTG
NPNEPHSQESKWPLFTTKEQKFIDLNTEPMKVHQRLRVQMCVFWNQFLPKLLNATACDGELSS
;
_entity_poly.pdbx_strand_id   A
#
loop_
_chem_comp.id
_chem_comp.type
_chem_comp.name
_chem_comp.formula
1PE non-polymer 'PENTAETHYLENE GLYCOL' 'C10 H22 O6'
GSG non-polymer '1S,3AS,8AS-TRIMETHYL-1-OXIDO-1,2,3,3A,8,8A-HEXAHYDROPYRROLO[2,3-B]INDOL-5-YL 2-ETHYLPHENYLCARBAMATE' 'C22 H27 N3 O3'
MES non-polymer '2-(N-MORPHOLINO)-ETHANESULFONIC ACID' 'C6 H13 N O4 S'
NAG D-saccharide, beta linking 2-acetamido-2-deoxy-beta-D-glucopyranose 'C8 H15 N O6'
#
# COMPACT_ATOMS: atom_id res chain seq x y z
N SER A 4 -16.74 -16.87 27.09
CA SER A 4 -17.49 -16.34 25.91
C SER A 4 -16.59 -16.17 24.68
N GLU A 5 -17.08 -16.64 23.53
CA GLU A 5 -16.33 -16.55 22.29
C GLU A 5 -15.96 -15.12 21.89
N LEU A 6 -16.72 -14.14 22.37
CA LEU A 6 -16.48 -12.75 22.04
C LEU A 6 -15.67 -12.01 23.10
N LEU A 7 -15.18 -12.75 24.08
CA LEU A 7 -14.40 -12.13 25.13
C LEU A 7 -12.99 -12.68 25.05
N VAL A 8 -12.02 -11.79 24.98
CA VAL A 8 -10.65 -12.24 24.92
C VAL A 8 -9.83 -11.43 25.88
N ASN A 9 -8.97 -12.11 26.61
CA ASN A 9 -8.11 -11.44 27.55
C ASN A 9 -6.74 -11.31 26.93
N THR A 10 -6.30 -10.08 26.72
CA THR A 10 -4.99 -9.85 26.12
C THR A 10 -4.08 -9.24 27.18
N LYS A 11 -2.81 -9.07 26.85
CA LYS A 11 -1.84 -8.50 27.76
C LYS A 11 -2.11 -7.02 28.01
N SER A 12 -3.01 -6.43 27.25
CA SER A 12 -3.33 -5.01 27.42
C SER A 12 -4.66 -4.83 28.16
N GLY A 13 -5.37 -5.94 28.36
CA GLY A 13 -6.65 -5.90 29.03
C GLY A 13 -7.65 -6.77 28.30
N LYS A 14 -8.87 -6.84 28.81
CA LYS A 14 -9.91 -7.65 28.19
C LYS A 14 -10.58 -6.93 27.04
N VAL A 15 -11.00 -7.68 26.02
CA VAL A 15 -11.67 -7.08 24.88
C VAL A 15 -12.95 -7.84 24.58
N MET A 16 -13.98 -7.12 24.18
CA MET A 16 -15.27 -7.72 23.83
C MET A 16 -15.61 -7.49 22.37
N GLY A 17 -15.72 -8.58 21.62
CA GLY A 17 -16.03 -8.46 20.22
C GLY A 17 -17.52 -8.44 19.94
N THR A 18 -17.89 -8.72 18.70
CA THR A 18 -19.27 -8.77 18.26
C THR A 18 -19.37 -9.85 17.21
N ARG A 19 -20.50 -10.55 17.17
CA ARG A 19 -20.70 -11.61 16.18
C ARG A 19 -21.21 -10.91 14.93
N VAL A 20 -20.62 -11.25 13.78
CA VAL A 20 -21.03 -10.62 12.53
C VAL A 20 -21.39 -11.68 11.54
N PRO A 21 -22.44 -11.43 10.75
CA PRO A 21 -22.88 -12.41 9.73
C PRO A 21 -21.97 -12.26 8.53
N VAL A 22 -21.81 -13.36 7.79
CA VAL A 22 -20.94 -13.39 6.62
C VAL A 22 -21.38 -14.57 5.76
N LEU A 23 -21.69 -14.33 4.49
CA LEU A 23 -22.13 -15.38 3.58
C LEU A 23 -23.01 -16.44 4.29
N SER A 24 -24.07 -15.97 4.93
CA SER A 24 -25.03 -16.79 5.66
C SER A 24 -24.46 -17.68 6.77
N SER A 25 -23.46 -17.16 7.48
CA SER A 25 -22.83 -17.83 8.61
C SER A 25 -22.38 -16.70 9.52
N HIS A 26 -21.46 -16.97 10.43
CA HIS A 26 -21.03 -15.90 11.34
C HIS A 26 -19.60 -16.11 11.84
N ILE A 27 -18.95 -15.02 12.21
CA ILE A 27 -17.62 -15.08 12.79
C ILE A 27 -17.55 -13.94 13.78
N SER A 28 -16.46 -13.85 14.53
CA SER A 28 -16.33 -12.79 15.53
C SER A 28 -15.51 -11.65 14.95
N ALA A 29 -15.75 -10.45 15.43
CA ALA A 29 -15.00 -9.31 14.98
C ALA A 29 -14.66 -8.47 16.17
N PHE A 30 -13.39 -8.13 16.30
CA PHE A 30 -12.95 -7.28 17.39
C PHE A 30 -12.45 -6.04 16.68
N LEU A 31 -13.24 -4.99 16.73
CA LEU A 31 -12.94 -3.77 16.04
C LEU A 31 -12.51 -2.64 16.95
N GLY A 32 -11.59 -1.82 16.45
CA GLY A 32 -11.13 -0.67 17.19
C GLY A 32 -10.31 -0.96 18.43
N ILE A 33 -9.42 -1.96 18.37
CA ILE A 33 -8.59 -2.26 19.51
C ILE A 33 -7.39 -1.30 19.49
N PRO A 34 -7.17 -0.57 20.60
CA PRO A 34 -6.05 0.37 20.65
C PRO A 34 -4.71 -0.34 20.84
N PHE A 35 -3.69 0.05 20.09
CA PHE A 35 -2.37 -0.59 20.25
C PHE A 35 -1.29 0.45 20.57
N ALA A 36 -1.70 1.71 20.64
CA ALA A 36 -0.76 2.79 20.97
C ALA A 36 -1.48 3.89 21.71
N GLU A 37 -0.73 4.67 22.48
CA GLU A 37 -1.34 5.81 23.14
C GLU A 37 -1.76 6.78 22.02
N PRO A 38 -2.87 7.50 22.18
CA PRO A 38 -3.28 8.44 21.13
C PRO A 38 -2.15 9.44 20.84
N PRO A 39 -1.66 9.50 19.60
CA PRO A 39 -0.57 10.42 19.24
C PRO A 39 -1.03 11.88 19.12
N VAL A 40 -1.63 12.39 20.19
CA VAL A 40 -2.16 13.73 20.19
C VAL A 40 -1.37 14.76 21.01
N GLY A 41 -1.67 16.03 20.78
CA GLY A 41 -1.00 17.10 21.49
C GLY A 41 0.49 17.14 21.24
N ASN A 42 1.26 17.14 22.33
CA ASN A 42 2.72 17.21 22.26
C ASN A 42 3.29 15.93 21.68
N MET A 43 2.46 14.92 21.47
CA MET A 43 2.94 13.68 20.88
C MET A 43 2.88 13.66 19.32
N ARG A 44 2.25 14.68 18.72
CA ARG A 44 2.14 14.75 17.25
C ARG A 44 3.53 14.78 16.61
N PHE A 45 3.73 13.90 15.61
CA PHE A 45 5.00 13.77 14.88
C PHE A 45 5.95 12.87 15.65
N ARG A 46 5.57 12.56 16.89
CA ARG A 46 6.42 11.73 17.74
C ARG A 46 6.23 10.24 17.51
N ARG A 47 7.25 9.46 17.85
CA ARG A 47 7.19 8.01 17.74
C ARG A 47 6.01 7.62 18.62
N PRO A 48 5.31 6.55 18.23
CA PRO A 48 4.18 6.15 19.05
C PRO A 48 4.61 5.52 20.36
N GLU A 49 3.71 5.53 21.34
CA GLU A 49 3.95 4.92 22.62
C GLU A 49 2.97 3.76 22.76
N PRO A 50 3.40 2.69 23.41
CA PRO A 50 2.62 1.47 23.66
C PRO A 50 1.35 1.84 24.41
N LYS A 51 0.23 1.22 24.09
CA LYS A 51 -1.02 1.52 24.79
C LYS A 51 -0.96 1.07 26.27
N LYS A 52 -1.15 2.02 27.19
CA LYS A 52 -1.16 1.69 28.61
C LYS A 52 -2.30 0.69 28.83
N PRO A 53 -2.01 -0.45 29.49
CA PRO A 53 -3.07 -1.43 29.72
C PRO A 53 -4.30 -0.80 30.39
N TRP A 54 -5.46 -1.40 30.15
CA TRP A 54 -6.71 -0.87 30.71
C TRP A 54 -7.42 -1.92 31.56
N SER A 55 -8.15 -1.44 32.57
CA SER A 55 -8.92 -2.33 33.43
C SER A 55 -10.28 -2.39 32.79
N GLY A 56 -11.07 -3.39 33.12
CA GLY A 56 -12.39 -3.48 32.53
C GLY A 56 -12.35 -4.12 31.15
N VAL A 57 -13.48 -4.09 30.46
CA VAL A 57 -13.61 -4.69 29.15
C VAL A 57 -13.70 -3.65 28.04
N TRP A 58 -12.76 -3.73 27.10
CA TRP A 58 -12.74 -2.79 25.99
C TRP A 58 -13.82 -3.19 25.00
N ASN A 59 -14.71 -2.26 24.71
CA ASN A 59 -15.78 -2.52 23.76
C ASN A 59 -15.19 -2.48 22.35
N ALA A 60 -15.11 -3.64 21.69
CA ALA A 60 -14.55 -3.73 20.34
C ALA A 60 -15.63 -4.18 19.38
N SER A 61 -16.75 -3.48 19.38
CA SER A 61 -17.84 -3.90 18.53
C SER A 61 -18.01 -2.99 17.33
N THR A 62 -17.34 -1.84 17.35
CA THR A 62 -17.44 -0.89 16.25
C THR A 62 -16.10 -0.35 15.75
N TYR A 63 -16.07 0.06 14.49
CA TYR A 63 -14.85 0.59 13.87
C TYR A 63 -14.32 1.85 14.54
N PRO A 64 -12.99 1.97 14.60
CA PRO A 64 -12.39 3.14 15.24
C PRO A 64 -12.43 4.32 14.28
N ASN A 65 -11.96 5.47 14.74
CA ASN A 65 -11.88 6.65 13.91
C ASN A 65 -10.79 6.37 12.83
N ASN A 66 -10.76 7.20 11.79
CA ASN A 66 -9.75 7.07 10.75
C ASN A 66 -8.76 8.21 11.04
N CYS A 67 -7.49 8.04 10.67
CA CYS A 67 -6.52 9.08 10.89
C CYS A 67 -6.84 10.31 10.06
N GLN A 68 -6.37 11.46 10.53
CA GLN A 68 -6.61 12.71 9.81
C GLN A 68 -5.93 12.62 8.44
N GLN A 69 -6.66 12.99 7.38
CA GLN A 69 -6.12 12.89 6.03
C GLN A 69 -6.87 13.73 5.01
N TYR A 70 -6.16 14.06 3.92
CA TYR A 70 -6.76 14.77 2.79
C TYR A 70 -7.95 13.89 2.37
N VAL A 71 -9.00 14.52 1.86
CA VAL A 71 -10.20 13.79 1.45
C VAL A 71 -10.52 14.12 0.00
N ASP A 72 -10.63 13.08 -0.84
CA ASP A 72 -10.92 13.22 -2.26
C ASP A 72 -12.34 13.77 -2.48
N GLU A 73 -12.45 14.89 -3.18
CA GLU A 73 -13.73 15.50 -3.46
C GLU A 73 -13.86 15.77 -4.95
N GLN A 74 -13.01 15.12 -5.73
CA GLN A 74 -13.02 15.27 -7.18
C GLN A 74 -14.35 14.88 -7.80
N PHE A 75 -14.97 13.81 -7.30
CA PHE A 75 -16.25 13.34 -7.85
C PHE A 75 -17.28 13.08 -6.74
N PRO A 76 -17.82 14.15 -6.14
CA PRO A 76 -18.81 14.07 -5.06
C PRO A 76 -19.94 13.11 -5.36
N GLY A 77 -20.17 12.18 -4.45
CA GLY A 77 -21.22 11.20 -4.64
C GLY A 77 -20.83 10.01 -5.50
N PHE A 78 -19.71 10.12 -6.21
CA PHE A 78 -19.27 9.03 -7.07
C PHE A 78 -18.64 7.95 -6.19
N SER A 79 -19.14 6.73 -6.27
CA SER A 79 -18.62 5.65 -5.43
C SER A 79 -17.19 5.25 -5.81
N GLY A 80 -16.84 5.39 -7.08
CA GLY A 80 -15.51 5.01 -7.51
C GLY A 80 -14.40 5.65 -6.69
N SER A 81 -14.59 6.91 -6.32
CA SER A 81 -13.59 7.62 -5.54
C SER A 81 -13.92 7.68 -4.05
N GLU A 82 -15.19 7.75 -3.70
CA GLU A 82 -15.54 7.82 -2.28
C GLU A 82 -15.36 6.53 -1.50
N MET A 83 -15.29 5.39 -2.18
CA MET A 83 -15.08 4.13 -1.49
C MET A 83 -13.68 4.11 -0.84
N TRP A 84 -12.81 5.03 -1.29
CA TRP A 84 -11.46 5.13 -0.77
C TRP A 84 -11.33 6.12 0.38
N ASN A 85 -12.31 7.03 0.49
CA ASN A 85 -12.30 8.06 1.55
C ASN A 85 -12.63 7.49 2.91
N PRO A 86 -12.28 8.24 3.97
CA PRO A 86 -12.56 7.80 5.34
C PRO A 86 -14.08 7.66 5.46
N ASN A 87 -14.56 6.55 6.03
CA ASN A 87 -16.00 6.35 6.20
C ASN A 87 -16.30 6.44 7.69
N ARG A 88 -15.36 7.02 8.42
CA ARG A 88 -15.51 7.23 9.86
C ARG A 88 -15.07 8.64 10.13
N GLU A 89 -15.42 9.13 11.30
CA GLU A 89 -15.01 10.47 11.68
C GLU A 89 -13.47 10.42 11.72
N MET A 90 -12.81 11.50 11.31
CA MET A 90 -11.36 11.51 11.35
C MET A 90 -10.92 12.06 12.69
N SER A 91 -9.75 11.64 13.14
CA SER A 91 -9.21 12.08 14.41
C SER A 91 -7.75 11.72 14.49
N GLU A 92 -6.95 12.49 15.23
CA GLU A 92 -5.54 12.14 15.42
C GLU A 92 -5.45 10.92 16.33
N ASP A 93 -6.52 10.66 17.07
CA ASP A 93 -6.62 9.52 17.98
C ASP A 93 -7.12 8.44 17.05
N CYS A 94 -6.21 7.78 16.36
CA CYS A 94 -6.61 6.82 15.35
C CYS A 94 -5.84 5.52 15.28
N LEU A 95 -4.94 5.29 16.24
CA LEU A 95 -4.15 4.08 16.22
C LEU A 95 -4.85 2.87 16.84
N TYR A 96 -5.60 2.16 16.00
CA TYR A 96 -6.35 0.98 16.41
C TYR A 96 -6.20 -0.11 15.36
N LEU A 97 -6.55 -1.33 15.73
CA LEU A 97 -6.51 -2.45 14.79
C LEU A 97 -7.82 -3.23 14.84
N ASN A 98 -8.09 -4.03 13.82
CA ASN A 98 -9.32 -4.82 13.74
C ASN A 98 -8.98 -6.29 13.49
N ILE A 99 -9.71 -7.18 14.16
CA ILE A 99 -9.47 -8.60 14.01
C ILE A 99 -10.77 -9.37 13.72
N TRP A 100 -10.75 -10.21 12.69
CA TRP A 100 -11.88 -11.05 12.36
C TRP A 100 -11.39 -12.45 12.68
N VAL A 101 -12.12 -13.15 13.53
CA VAL A 101 -11.74 -14.49 13.98
C VAL A 101 -12.80 -15.51 13.61
N PRO A 102 -12.36 -16.63 13.00
CA PRO A 102 -13.31 -17.69 12.62
C PRO A 102 -14.07 -18.15 13.86
N SER A 103 -15.23 -18.75 13.64
CA SER A 103 -16.05 -19.27 14.73
C SER A 103 -16.40 -20.70 14.39
N PRO A 104 -16.14 -21.63 15.31
CA PRO A 104 -15.53 -21.38 16.63
C PRO A 104 -14.07 -20.90 16.57
N ARG A 105 -13.66 -20.16 17.60
CA ARG A 105 -12.30 -19.61 17.71
C ARG A 105 -11.20 -20.64 17.50
N PRO A 106 -10.31 -20.42 16.52
CA PRO A 106 -9.23 -21.40 16.29
C PRO A 106 -8.29 -21.43 17.48
N LYS A 107 -7.39 -22.40 17.49
CA LYS A 107 -6.42 -22.49 18.58
C LYS A 107 -5.11 -21.83 18.14
N SER A 108 -4.67 -22.15 16.92
CA SER A 108 -3.42 -21.60 16.41
C SER A 108 -3.38 -21.58 14.88
N THR A 109 -4.13 -20.69 14.25
CA THR A 109 -4.13 -20.65 12.80
C THR A 109 -3.36 -19.48 12.19
N THR A 110 -3.15 -19.59 10.88
CA THR A 110 -2.47 -18.58 10.10
C THR A 110 -3.10 -17.21 10.31
N VAL A 111 -2.23 -16.21 10.48
CA VAL A 111 -2.62 -14.84 10.68
C VAL A 111 -2.19 -13.98 9.48
N MET A 112 -3.06 -13.06 9.07
CA MET A 112 -2.75 -12.15 7.96
C MET A 112 -3.04 -10.75 8.46
N VAL A 113 -2.07 -9.87 8.31
CA VAL A 113 -2.21 -8.50 8.75
C VAL A 113 -2.18 -7.60 7.53
N TRP A 114 -3.28 -6.89 7.31
CA TRP A 114 -3.42 -6.00 6.17
C TRP A 114 -2.94 -4.60 6.49
N ILE A 115 -2.12 -4.06 5.59
CA ILE A 115 -1.61 -2.69 5.72
C ILE A 115 -2.15 -1.87 4.54
N TYR A 116 -3.05 -0.95 4.82
CA TYR A 116 -3.66 -0.16 3.73
C TYR A 116 -2.72 0.79 2.99
N GLY A 117 -3.11 1.07 1.75
CA GLY A 117 -2.35 1.97 0.90
C GLY A 117 -3.01 3.34 0.94
N GLY A 118 -2.55 4.24 0.09
CA GLY A 118 -3.10 5.58 0.05
C GLY A 118 -1.99 6.61 -0.10
N GLY A 119 -0.90 6.21 -0.79
CA GLY A 119 0.22 7.12 -1.01
C GLY A 119 0.84 7.74 0.23
N PHE A 120 0.65 7.12 1.39
CA PHE A 120 1.18 7.64 2.65
C PHE A 120 0.53 8.93 3.12
N TYR A 121 -0.44 9.44 2.37
CA TYR A 121 -1.14 10.66 2.76
C TYR A 121 -2.63 10.41 3.08
N SER A 122 -3.08 9.18 2.87
CA SER A 122 -4.46 8.84 3.13
C SER A 122 -4.58 7.35 3.35
N GLY A 123 -5.81 6.90 3.60
CA GLY A 123 -6.06 5.49 3.82
C GLY A 123 -6.77 5.21 5.14
N SER A 124 -7.56 4.13 5.15
CA SER A 124 -8.33 3.73 6.33
C SER A 124 -8.44 2.21 6.41
N SER A 125 -8.44 1.68 7.61
CA SER A 125 -8.55 0.23 7.78
C SER A 125 -10.03 -0.18 7.75
N THR A 126 -10.91 0.81 7.80
CA THR A 126 -12.34 0.58 7.87
C THR A 126 -13.14 0.62 6.57
N LEU A 127 -12.46 0.76 5.44
CA LEU A 127 -13.16 0.79 4.15
C LEU A 127 -13.91 -0.52 3.88
N ASP A 128 -14.94 -0.44 3.05
CA ASP A 128 -15.70 -1.64 2.71
C ASP A 128 -14.85 -2.69 2.00
N VAL A 129 -13.93 -2.26 1.11
CA VAL A 129 -13.08 -3.21 0.38
C VAL A 129 -12.07 -3.91 1.26
N TYR A 130 -11.95 -3.45 2.50
CA TYR A 130 -11.01 -4.07 3.42
C TYR A 130 -11.69 -4.94 4.48
N ASN A 131 -13.00 -5.14 4.33
CA ASN A 131 -13.76 -5.95 5.29
C ASN A 131 -13.15 -7.34 5.32
N GLY A 132 -12.53 -7.69 6.44
CA GLY A 132 -11.86 -8.97 6.53
C GLY A 132 -12.68 -10.22 6.79
N LYS A 133 -13.98 -10.06 7.02
CA LYS A 133 -14.81 -11.20 7.33
C LYS A 133 -14.87 -12.27 6.25
N TYR A 134 -14.91 -11.88 4.98
CA TYR A 134 -15.00 -12.90 3.93
C TYR A 134 -13.74 -13.75 3.85
N LEU A 135 -12.59 -13.12 4.04
CA LEU A 135 -11.34 -13.85 3.96
C LEU A 135 -11.12 -14.69 5.21
N ALA A 136 -11.43 -14.12 6.37
CA ALA A 136 -11.26 -14.84 7.61
C ALA A 136 -12.14 -16.07 7.55
N TYR A 137 -13.41 -15.84 7.21
CA TYR A 137 -14.36 -16.92 7.14
C TYR A 137 -14.04 -17.95 6.07
N THR A 138 -13.84 -17.49 4.83
CA THR A 138 -13.58 -18.42 3.74
C THR A 138 -12.31 -19.23 3.84
N GLU A 139 -11.23 -18.62 4.32
CA GLU A 139 -9.96 -19.32 4.38
C GLU A 139 -9.54 -19.71 5.78
N GLU A 140 -10.40 -19.40 6.74
CA GLU A 140 -10.14 -19.73 8.13
C GLU A 140 -8.77 -19.25 8.64
N VAL A 141 -8.54 -17.96 8.46
CA VAL A 141 -7.32 -17.34 8.93
C VAL A 141 -7.78 -16.26 9.90
N VAL A 142 -6.89 -15.84 10.79
CA VAL A 142 -7.23 -14.75 11.67
C VAL A 142 -6.77 -13.50 10.90
N LEU A 143 -7.71 -12.66 10.50
CA LEU A 143 -7.39 -11.47 9.73
C LEU A 143 -7.32 -10.19 10.54
N VAL A 144 -6.17 -9.53 10.48
CA VAL A 144 -5.99 -8.26 11.19
C VAL A 144 -5.75 -7.11 10.21
N SER A 145 -6.34 -5.96 10.50
CA SER A 145 -6.06 -4.79 9.67
C SER A 145 -5.61 -3.75 10.69
N LEU A 146 -4.43 -3.18 10.47
CA LEU A 146 -3.91 -2.16 11.37
C LEU A 146 -4.12 -0.77 10.79
N SER A 147 -3.67 0.26 11.51
CA SER A 147 -3.82 1.60 11.00
C SER A 147 -2.52 2.33 11.32
N TYR A 148 -2.32 3.48 10.69
CA TYR A 148 -1.10 4.25 10.94
C TYR A 148 -1.30 5.67 10.46
N ARG A 149 -0.59 6.59 11.11
CA ARG A 149 -0.66 7.98 10.75
C ARG A 149 -0.16 8.21 9.34
N VAL A 150 -0.84 9.10 8.61
CA VAL A 150 -0.44 9.43 7.26
C VAL A 150 -0.24 10.94 7.15
N GLY A 151 0.17 11.40 5.98
CA GLY A 151 0.39 12.83 5.83
C GLY A 151 1.50 13.30 6.75
N ALA A 152 1.49 14.59 7.06
CA ALA A 152 2.52 15.15 7.93
C ALA A 152 2.48 14.47 9.30
N PHE A 153 1.29 14.11 9.76
CA PHE A 153 1.12 13.47 11.06
C PHE A 153 1.94 12.20 11.17
N GLY A 154 2.11 11.49 10.06
CA GLY A 154 2.86 10.26 10.11
C GLY A 154 4.26 10.33 9.51
N PHE A 155 4.53 11.39 8.74
CA PHE A 155 5.81 11.45 8.07
C PHE A 155 6.60 12.76 8.02
N LEU A 156 6.16 13.78 8.76
CA LEU A 156 6.90 15.03 8.77
C LEU A 156 8.27 14.60 9.26
N ALA A 157 9.32 15.02 8.56
CA ALA A 157 10.66 14.60 8.95
C ALA A 157 11.74 15.69 9.10
N LEU A 158 12.20 15.86 10.34
CA LEU A 158 13.27 16.82 10.64
C LEU A 158 14.34 16.00 11.32
N HIS A 159 15.14 15.33 10.50
CA HIS A 159 16.19 14.46 10.97
C HIS A 159 17.10 15.17 11.94
N GLY A 160 17.39 14.51 13.06
CA GLY A 160 18.22 15.11 14.08
C GLY A 160 17.32 15.41 15.28
N SER A 161 16.10 15.85 14.99
CA SER A 161 15.15 16.15 16.05
C SER A 161 14.54 14.86 16.51
N GLN A 162 14.19 14.77 17.78
CA GLN A 162 13.59 13.57 18.31
C GLN A 162 12.08 13.81 18.43
N GLU A 163 11.69 15.06 18.21
CA GLU A 163 10.28 15.44 18.28
C GLU A 163 9.49 15.10 17.00
N ALA A 164 10.15 15.14 15.84
CA ALA A 164 9.52 14.78 14.55
C ALA A 164 10.65 14.17 13.74
N PRO A 165 11.08 12.96 14.14
CA PRO A 165 12.17 12.21 13.49
C PRO A 165 11.87 11.70 12.10
N GLY A 166 10.57 11.60 11.79
CA GLY A 166 10.17 11.06 10.51
C GLY A 166 9.86 9.59 10.71
N ASN A 167 9.24 8.96 9.72
CA ASN A 167 8.90 7.56 9.76
C ASN A 167 7.97 7.09 10.89
N VAL A 168 7.37 8.01 11.64
CA VAL A 168 6.54 7.56 12.76
C VAL A 168 5.35 6.73 12.31
N GLY A 169 4.89 6.95 11.08
CA GLY A 169 3.80 6.16 10.57
C GLY A 169 4.22 4.71 10.39
N LEU A 170 5.49 4.48 10.06
CA LEU A 170 6.01 3.13 9.87
C LEU A 170 6.15 2.49 11.24
N LEU A 171 6.54 3.30 12.23
CA LEU A 171 6.68 2.79 13.59
C LEU A 171 5.27 2.43 14.12
N ASP A 172 4.24 3.18 13.70
CA ASP A 172 2.87 2.85 14.10
C ASP A 172 2.60 1.42 13.59
N GLN A 173 2.91 1.18 12.32
CA GLN A 173 2.66 -0.15 11.79
C GLN A 173 3.43 -1.18 12.59
N ARG A 174 4.69 -0.87 12.89
CA ARG A 174 5.52 -1.83 13.62
C ARG A 174 4.96 -2.15 15.00
N MET A 175 4.41 -1.14 15.67
CA MET A 175 3.85 -1.34 17.01
C MET A 175 2.63 -2.25 16.92
N ALA A 176 1.83 -2.06 15.90
CA ALA A 176 0.66 -2.89 15.72
C ALA A 176 1.15 -4.33 15.45
N LEU A 177 2.23 -4.48 14.69
CA LEU A 177 2.77 -5.81 14.39
C LEU A 177 3.33 -6.40 15.70
N GLN A 178 3.78 -5.53 16.60
CA GLN A 178 4.32 -5.99 17.86
C GLN A 178 3.16 -6.48 18.73
N TRP A 179 2.06 -5.75 18.72
CA TRP A 179 0.88 -6.11 19.51
C TRP A 179 0.32 -7.45 19.01
N VAL A 180 0.30 -7.63 17.69
CA VAL A 180 -0.16 -8.89 17.09
C VAL A 180 0.81 -10.00 17.55
N HIS A 181 2.11 -9.75 17.45
CA HIS A 181 3.07 -10.76 17.84
C HIS A 181 2.86 -11.13 19.29
N ASP A 182 2.60 -10.12 20.12
CA ASP A 182 2.41 -10.35 21.54
C ASP A 182 1.03 -10.89 21.96
N ASN A 183 -0.03 -10.51 21.25
CA ASN A 183 -1.38 -10.93 21.64
C ASN A 183 -2.24 -11.79 20.74
N ILE A 184 -1.89 -11.96 19.47
CA ILE A 184 -2.78 -12.72 18.58
C ILE A 184 -3.04 -14.17 19.01
N GLN A 185 -2.19 -14.71 19.89
CA GLN A 185 -2.39 -16.08 20.35
C GLN A 185 -3.74 -16.19 21.10
N PHE A 186 -4.10 -15.13 21.82
CA PHE A 186 -5.33 -15.16 22.59
C PHE A 186 -6.57 -15.13 21.72
N PHE A 187 -6.42 -14.83 20.43
CA PHE A 187 -7.56 -14.80 19.52
C PHE A 187 -7.53 -16.04 18.65
N GLY A 188 -6.63 -16.95 18.98
CA GLY A 188 -6.50 -18.17 18.22
C GLY A 188 -5.52 -18.13 17.06
N GLY A 189 -4.77 -17.03 16.96
CA GLY A 189 -3.81 -16.90 15.88
C GLY A 189 -2.41 -17.36 16.30
N ASP A 190 -1.65 -17.86 15.34
CA ASP A 190 -0.28 -18.32 15.55
C ASP A 190 0.70 -17.15 15.28
N PRO A 191 1.25 -16.56 16.34
CA PRO A 191 2.17 -15.43 16.15
C PRO A 191 3.40 -15.79 15.33
N LYS A 192 3.63 -17.10 15.15
CA LYS A 192 4.77 -17.58 14.37
C LYS A 192 4.42 -17.73 12.90
N THR A 193 3.17 -17.48 12.56
CA THR A 193 2.80 -17.62 11.18
C THR A 193 2.00 -16.43 10.70
N VAL A 194 2.54 -15.24 10.89
CA VAL A 194 1.80 -14.09 10.40
C VAL A 194 2.36 -13.56 9.09
N THR A 195 1.46 -13.24 8.18
CA THR A 195 1.85 -12.68 6.92
C THR A 195 1.36 -11.24 6.86
N ILE A 196 2.26 -10.31 6.55
CA ILE A 196 1.82 -8.95 6.38
C ILE A 196 1.58 -8.78 4.88
N PHE A 197 0.51 -8.09 4.52
CA PHE A 197 0.25 -7.84 3.11
C PHE A 197 -0.36 -6.46 2.98
N GLY A 198 -0.12 -5.80 1.86
CA GLY A 198 -0.64 -4.46 1.67
C GLY A 198 -0.59 -4.06 0.23
N GLU A 199 -1.28 -2.99 -0.12
CA GLU A 199 -1.31 -2.53 -1.49
C GLU A 199 -0.76 -1.13 -1.65
N SER A 200 0.02 -0.91 -2.70
CA SER A 200 0.56 0.41 -2.99
C SER A 200 1.45 0.87 -1.80
N ALA A 201 1.18 2.02 -1.19
CA ALA A 201 1.99 2.44 -0.05
C ALA A 201 2.01 1.31 0.98
N GLY A 202 0.93 0.53 1.02
CA GLY A 202 0.84 -0.60 1.93
C GLY A 202 1.82 -1.68 1.48
N GLY A 203 1.90 -1.88 0.16
CA GLY A 203 2.84 -2.83 -0.38
C GLY A 203 4.27 -2.35 -0.17
N ALA A 204 4.50 -1.05 -0.33
CA ALA A 204 5.85 -0.51 -0.11
C ALA A 204 6.20 -0.62 1.41
N SER A 205 5.22 -0.36 2.28
CA SER A 205 5.45 -0.48 3.72
C SER A 205 5.87 -1.94 4.02
N VAL A 206 5.13 -2.91 3.48
CA VAL A 206 5.47 -4.31 3.69
C VAL A 206 6.95 -4.53 3.35
N GLY A 207 7.36 -4.03 2.20
CA GLY A 207 8.75 -4.17 1.78
C GLY A 207 9.70 -3.44 2.70
N MET A 208 9.24 -2.32 3.25
CA MET A 208 10.07 -1.55 4.17
C MET A 208 10.25 -2.34 5.48
N HIS A 209 9.26 -3.11 5.90
CA HIS A 209 9.40 -3.89 7.12
C HIS A 209 10.30 -5.09 6.86
N ILE A 210 10.41 -5.48 5.59
CA ILE A 210 11.29 -6.59 5.22
C ILE A 210 12.75 -6.10 5.31
N LEU A 211 12.95 -4.84 4.94
CA LEU A 211 14.28 -4.25 4.92
C LEU A 211 14.77 -3.86 6.30
N SER A 212 13.94 -3.10 7.01
CA SER A 212 14.26 -2.60 8.34
C SER A 212 14.53 -3.66 9.38
N PRO A 213 15.76 -3.71 9.90
CA PRO A 213 16.21 -4.66 10.91
C PRO A 213 15.26 -4.68 12.11
N GLY A 214 14.71 -3.52 12.46
CA GLY A 214 13.80 -3.44 13.60
C GLY A 214 12.41 -4.01 13.41
N SER A 215 12.04 -4.37 12.17
CA SER A 215 10.71 -4.91 11.95
C SER A 215 10.75 -6.38 11.54
N ARG A 216 11.88 -6.83 11.01
CA ARG A 216 12.01 -8.20 10.50
C ARG A 216 11.56 -9.36 11.38
N ASP A 217 11.74 -9.27 12.69
CA ASP A 217 11.37 -10.39 13.52
C ASP A 217 9.89 -10.48 13.86
N LEU A 218 9.12 -9.43 13.54
CA LEU A 218 7.71 -9.40 13.86
C LEU A 218 6.72 -10.08 12.91
N PHE A 219 7.20 -10.76 11.88
CA PHE A 219 6.28 -11.43 10.97
C PHE A 219 7.04 -12.53 10.24
N ARG A 220 6.30 -13.45 9.61
CA ARG A 220 6.92 -14.58 8.95
C ARG A 220 7.11 -14.44 7.43
N ARG A 221 6.06 -14.04 6.74
CA ARG A 221 6.06 -13.92 5.27
C ARG A 221 5.41 -12.62 4.87
N ALA A 222 5.58 -12.25 3.60
CA ALA A 222 5.04 -10.99 3.10
C ALA A 222 4.44 -11.06 1.72
N ILE A 223 3.41 -10.24 1.52
CA ILE A 223 2.70 -10.13 0.24
C ILE A 223 2.67 -8.64 -0.14
N LEU A 224 3.13 -8.33 -1.34
CA LEU A 224 3.13 -6.94 -1.78
C LEU A 224 2.28 -6.78 -3.02
N GLN A 225 1.29 -5.90 -2.97
CA GLN A 225 0.41 -5.67 -4.12
C GLN A 225 0.63 -4.26 -4.65
N SER A 226 1.13 -4.18 -5.89
CA SER A 226 1.36 -2.90 -6.58
C SER A 226 2.15 -1.89 -5.79
N GLY A 227 3.24 -2.32 -5.18
CA GLY A 227 4.04 -1.39 -4.42
C GLY A 227 5.26 -2.14 -3.94
N SER A 228 6.38 -1.43 -3.85
CA SER A 228 7.61 -2.02 -3.36
C SER A 228 8.35 -0.89 -2.65
N PRO A 229 9.26 -1.24 -1.76
CA PRO A 229 9.97 -0.19 -1.02
C PRO A 229 10.76 0.84 -1.80
N ASN A 230 11.33 0.41 -2.92
CA ASN A 230 12.15 1.27 -3.75
C ASN A 230 11.36 2.12 -4.74
N CYS A 231 10.04 2.23 -4.57
CA CYS A 231 9.29 3.03 -5.53
C CYS A 231 9.76 4.48 -5.44
N PRO A 232 9.82 5.18 -6.59
CA PRO A 232 10.27 6.58 -6.65
C PRO A 232 9.48 7.56 -5.78
N TRP A 233 8.24 7.22 -5.46
CA TRP A 233 7.39 8.09 -4.61
C TRP A 233 7.32 7.68 -3.14
N ALA A 234 7.85 6.50 -2.82
CA ALA A 234 7.78 5.94 -1.48
C ALA A 234 8.76 6.44 -0.42
N SER A 235 9.78 7.19 -0.81
CA SER A 235 10.71 7.70 0.19
C SER A 235 11.46 8.90 -0.33
N VAL A 236 12.01 9.68 0.58
CA VAL A 236 12.80 10.86 0.27
C VAL A 236 14.02 10.90 1.20
N SER A 237 15.03 11.68 0.83
CA SER A 237 16.24 11.82 1.65
C SER A 237 15.88 12.69 2.85
N VAL A 238 16.74 12.73 3.86
CA VAL A 238 16.44 13.55 5.04
C VAL A 238 16.47 15.01 4.64
N ALA A 239 17.31 15.35 3.66
CA ALA A 239 17.40 16.73 3.21
C ALA A 239 16.06 17.16 2.61
N GLU A 240 15.52 16.33 1.70
CA GLU A 240 14.23 16.65 1.07
C GLU A 240 13.09 16.67 2.09
N GLY A 241 13.13 15.74 3.04
CA GLY A 241 12.12 15.71 4.09
C GLY A 241 12.16 17.00 4.91
N ARG A 242 13.37 17.43 5.26
CA ARG A 242 13.55 18.65 6.04
C ARG A 242 13.03 19.83 5.23
N ARG A 243 13.45 19.90 3.98
CA ARG A 243 13.03 20.99 3.11
C ARG A 243 11.51 21.09 3.03
N ARG A 244 10.81 19.96 3.01
CA ARG A 244 9.35 19.98 2.92
C ARG A 244 8.68 20.34 4.22
N ALA A 245 9.27 19.93 5.34
CA ALA A 245 8.70 20.25 6.64
C ALA A 245 8.81 21.76 6.85
N VAL A 246 9.97 22.31 6.52
CA VAL A 246 10.22 23.74 6.65
C VAL A 246 9.23 24.47 5.75
N GLU A 247 9.07 24.00 4.53
CA GLU A 247 8.15 24.64 3.59
C GLU A 247 6.70 24.49 4.09
N LEU A 248 6.42 23.44 4.86
CA LEU A 248 5.05 23.28 5.38
C LEU A 248 4.91 24.41 6.37
N GLY A 249 5.94 24.57 7.21
CA GLY A 249 5.92 25.63 8.20
C GLY A 249 5.74 27.00 7.60
N ARG A 250 6.44 27.26 6.49
CA ARG A 250 6.34 28.55 5.83
C ARG A 250 4.89 28.82 5.35
N ASN A 251 4.19 27.76 4.92
CA ASN A 251 2.81 27.88 4.46
C ASN A 251 1.84 28.21 5.59
N LEU A 252 2.27 27.93 6.83
CA LEU A 252 1.43 28.19 7.99
C LEU A 252 1.90 29.39 8.82
N ASN A 253 2.80 30.20 8.23
CA ASN A 253 3.33 31.38 8.88
C ASN A 253 4.02 31.01 10.17
N CYS A 254 4.78 29.93 10.15
CA CYS A 254 5.48 29.48 11.34
C CYS A 254 6.83 30.14 11.52
N ASN A 255 7.32 30.10 12.75
CA ASN A 255 8.62 30.64 13.06
C ASN A 255 9.57 29.56 12.59
N LEU A 256 10.50 29.90 11.70
CA LEU A 256 11.43 28.91 11.17
C LEU A 256 12.87 28.97 11.72
N ASN A 257 13.09 29.63 12.85
CA ASN A 257 14.45 29.73 13.38
C ASN A 257 15.07 28.44 13.87
N SER A 258 14.24 27.51 14.33
CA SER A 258 14.74 26.23 14.82
C SER A 258 13.69 25.10 14.68
N ASP A 259 14.16 23.87 14.72
CA ASP A 259 13.27 22.73 14.63
C ASP A 259 12.25 22.84 15.76
N GLU A 260 12.73 23.25 16.94
CA GLU A 260 11.88 23.38 18.11
C GLU A 260 10.77 24.39 17.86
N GLU A 261 11.14 25.53 17.28
CA GLU A 261 10.17 26.58 16.97
C GLU A 261 9.16 26.09 15.91
N LEU A 262 9.67 25.41 14.89
CA LEU A 262 8.83 24.93 13.80
C LEU A 262 7.88 23.86 14.31
N ILE A 263 8.45 22.85 14.97
CA ILE A 263 7.65 21.76 15.49
C ILE A 263 6.58 22.25 16.45
N HIS A 264 6.94 23.19 17.33
CA HIS A 264 5.97 23.71 18.29
C HIS A 264 4.85 24.43 17.57
N CYS A 265 5.20 25.19 16.55
CA CYS A 265 4.21 25.93 15.78
C CYS A 265 3.25 24.98 15.08
N LEU A 266 3.81 23.94 14.45
CA LEU A 266 3.00 22.95 13.73
C LEU A 266 2.07 22.18 14.67
N ARG A 267 2.48 22.04 15.93
CA ARG A 267 1.67 21.31 16.89
C ARG A 267 0.49 22.10 17.41
N GLU A 268 0.52 23.42 17.25
CA GLU A 268 -0.60 24.24 17.71
C GLU A 268 -1.68 24.32 16.63
N LYS A 269 -1.32 23.99 15.39
CA LYS A 269 -2.28 24.06 14.29
C LYS A 269 -3.25 22.90 14.34
N LYS A 270 -4.48 23.18 13.94
CA LYS A 270 -5.50 22.15 13.92
C LYS A 270 -5.15 21.22 12.76
N PRO A 271 -5.61 19.96 12.83
CA PRO A 271 -5.32 19.01 11.76
C PRO A 271 -5.59 19.55 10.36
N GLN A 272 -6.80 20.04 10.13
CA GLN A 272 -7.15 20.54 8.80
C GLN A 272 -6.25 21.62 8.25
N GLU A 273 -5.56 22.34 9.12
CA GLU A 273 -4.68 23.40 8.65
C GLU A 273 -3.48 22.81 7.95
N LEU A 274 -2.96 21.70 8.48
CA LEU A 274 -1.81 21.06 7.87
C LEU A 274 -2.27 20.40 6.57
N ILE A 275 -3.43 19.75 6.60
CA ILE A 275 -3.96 19.07 5.42
C ILE A 275 -4.24 20.07 4.28
N ASP A 276 -4.72 21.26 4.63
CA ASP A 276 -5.04 22.27 3.62
C ASP A 276 -3.86 22.78 2.78
N VAL A 277 -2.64 22.73 3.32
CA VAL A 277 -1.47 23.22 2.56
C VAL A 277 -0.45 22.11 2.24
N GLU A 278 -0.79 20.88 2.61
CA GLU A 278 0.06 19.69 2.42
C GLU A 278 0.65 19.57 1.01
N TRP A 279 -0.16 19.78 -0.01
CA TRP A 279 0.31 19.62 -1.37
C TRP A 279 1.18 20.74 -1.89
N ASN A 280 1.28 21.83 -1.15
CA ASN A 280 2.11 22.95 -1.59
C ASN A 280 3.60 22.75 -1.41
N VAL A 281 4.01 21.64 -0.81
CA VAL A 281 5.44 21.45 -0.57
C VAL A 281 6.20 20.58 -1.57
N LEU A 282 5.48 19.99 -2.52
CA LEU A 282 6.14 19.15 -3.53
C LEU A 282 7.14 20.02 -4.30
N PRO A 283 8.32 19.47 -4.59
CA PRO A 283 9.33 20.26 -5.31
C PRO A 283 9.02 20.46 -6.80
N PHE A 284 8.30 19.52 -7.41
CA PHE A 284 7.97 19.63 -8.83
C PHE A 284 6.49 19.55 -9.11
N ASP A 285 6.15 19.98 -10.32
CA ASP A 285 4.80 19.92 -10.83
C ASP A 285 4.83 18.45 -11.22
N SER A 286 4.09 17.64 -10.50
CA SER A 286 4.19 16.23 -10.73
C SER A 286 2.93 15.42 -10.52
N ILE A 287 3.03 14.15 -10.88
CA ILE A 287 1.95 13.22 -10.75
C ILE A 287 2.58 12.01 -10.04
N PHE A 288 1.81 11.36 -9.17
CA PHE A 288 2.30 10.20 -8.43
C PHE A 288 3.47 10.54 -7.47
N ARG A 289 3.38 11.71 -6.83
CA ARG A 289 4.38 12.13 -5.86
C ARG A 289 3.54 12.69 -4.70
N PHE A 290 3.94 12.31 -3.50
CA PHE A 290 3.24 12.68 -2.28
C PHE A 290 4.19 13.41 -1.34
N SER A 291 3.64 14.35 -0.60
CA SER A 291 4.41 15.21 0.28
C SER A 291 5.18 14.59 1.43
N PHE A 292 4.49 13.85 2.28
CA PHE A 292 5.14 13.26 3.44
C PHE A 292 5.16 11.75 3.37
N VAL A 293 6.35 11.24 3.11
CA VAL A 293 6.56 9.82 2.96
C VAL A 293 7.79 9.43 3.80
N PRO A 294 8.08 8.12 3.89
CA PRO A 294 9.24 7.63 4.65
C PRO A 294 10.53 8.31 4.19
N VAL A 295 11.47 8.49 5.12
CA VAL A 295 12.78 9.10 4.83
C VAL A 295 13.86 8.09 5.12
N ILE A 296 14.88 8.08 4.26
CA ILE A 296 16.04 7.20 4.42
C ILE A 296 16.82 7.94 5.51
N ASP A 297 16.61 7.50 6.75
CA ASP A 297 17.16 8.16 7.92
C ASP A 297 18.42 7.56 8.56
N GLY A 298 18.82 6.37 8.16
CA GLY A 298 19.98 5.77 8.79
C GLY A 298 19.58 4.97 10.03
N GLU A 299 18.29 4.99 10.39
CA GLU A 299 17.79 4.25 11.56
C GLU A 299 16.81 3.14 11.16
N PHE A 300 15.61 3.54 10.78
CA PHE A 300 14.62 2.57 10.32
C PHE A 300 15.27 1.86 9.12
N PHE A 301 15.91 2.64 8.24
CA PHE A 301 16.61 2.12 7.07
C PHE A 301 18.09 2.41 7.38
N PRO A 302 18.89 1.36 7.63
CA PRO A 302 20.31 1.58 7.94
C PRO A 302 21.10 2.35 6.88
N THR A 303 20.90 1.99 5.62
CA THR A 303 21.56 2.65 4.50
C THR A 303 20.55 2.83 3.39
N SER A 304 21.01 3.30 2.23
CA SER A 304 20.12 3.51 1.08
C SER A 304 19.43 2.19 0.79
N LEU A 305 18.22 2.25 0.23
CA LEU A 305 17.49 1.03 -0.06
C LEU A 305 18.25 0.15 -1.08
N GLU A 306 18.81 0.80 -2.09
CA GLU A 306 19.52 0.06 -3.13
C GLU A 306 20.72 -0.73 -2.59
N SER A 307 21.51 -0.14 -1.68
CA SER A 307 22.63 -0.92 -1.16
C SER A 307 22.14 -2.05 -0.24
N MET A 308 21.02 -1.84 0.44
CA MET A 308 20.47 -2.90 1.27
C MET A 308 20.04 -4.04 0.34
N LEU A 309 19.40 -3.70 -0.77
CA LEU A 309 18.96 -4.72 -1.70
C LEU A 309 20.11 -5.47 -2.34
N ASN A 310 21.20 -4.74 -2.63
CA ASN A 310 22.36 -5.33 -3.24
C ASN A 310 23.14 -6.24 -2.32
N SER A 311 23.25 -5.87 -1.04
CA SER A 311 23.99 -6.69 -0.10
C SER A 311 23.18 -7.79 0.59
N GLY A 312 21.88 -7.88 0.32
CA GLY A 312 21.07 -8.91 0.98
C GLY A 312 20.74 -8.49 2.41
N ASN A 313 20.84 -7.20 2.69
CA ASN A 313 20.53 -6.74 4.01
C ASN A 313 19.02 -6.58 4.18
N PHE A 314 18.35 -7.70 4.40
CA PHE A 314 16.91 -7.71 4.58
C PHE A 314 16.43 -9.08 5.04
N LYS A 315 15.19 -9.15 5.52
CA LYS A 315 14.65 -10.45 5.98
C LYS A 315 14.56 -11.46 4.82
N LYS A 316 15.09 -12.67 5.02
CA LYS A 316 15.06 -13.72 4.01
C LYS A 316 13.88 -14.63 4.29
N THR A 317 12.89 -14.62 3.41
CA THR A 317 11.72 -15.45 3.61
C THR A 317 11.04 -15.59 2.26
N GLN A 318 9.77 -16.01 2.25
CA GLN A 318 9.05 -16.15 0.98
C GLN A 318 8.23 -14.88 0.78
N ILE A 319 8.02 -14.51 -0.46
CA ILE A 319 7.20 -13.34 -0.75
C ILE A 319 6.36 -13.65 -1.96
N LEU A 320 5.19 -13.02 -2.02
CA LEU A 320 4.27 -13.18 -3.12
C LEU A 320 3.90 -11.74 -3.43
N LEU A 321 4.05 -11.35 -4.69
CA LEU A 321 3.76 -9.98 -5.05
C LEU A 321 3.40 -9.85 -6.52
N GLY A 322 2.90 -8.69 -6.89
CA GLY A 322 2.52 -8.48 -8.28
C GLY A 322 1.96 -7.11 -8.54
N VAL A 323 1.50 -6.91 -9.77
CA VAL A 323 0.97 -5.63 -10.18
C VAL A 323 -0.29 -5.76 -11.03
N ASN A 324 -0.97 -4.64 -11.27
CA ASN A 324 -2.15 -4.63 -12.13
C ASN A 324 -1.72 -4.09 -13.49
N LYS A 325 -2.51 -4.41 -14.51
CA LYS A 325 -2.17 -4.00 -15.86
C LYS A 325 -2.09 -2.50 -16.12
N ASP A 326 -3.02 -1.73 -15.55
CA ASP A 326 -3.04 -0.29 -15.79
C ASP A 326 -2.89 0.53 -14.51
N GLU A 327 -1.75 0.35 -13.86
CA GLU A 327 -1.43 1.05 -12.63
C GLU A 327 -1.49 2.59 -12.75
N GLY A 328 -1.14 3.15 -13.91
CA GLY A 328 -1.14 4.60 -14.00
C GLY A 328 -2.39 5.42 -14.26
N SER A 329 -3.43 4.80 -14.83
CA SER A 329 -4.62 5.56 -15.19
C SER A 329 -5.21 6.46 -14.11
N PHE A 330 -5.23 6.01 -12.87
CA PHE A 330 -5.77 6.82 -11.76
C PHE A 330 -5.11 8.20 -11.64
N PHE A 331 -3.77 8.20 -11.67
CA PHE A 331 -3.01 9.42 -11.51
C PHE A 331 -3.05 10.35 -12.71
N LEU A 332 -3.27 9.80 -13.89
CA LEU A 332 -3.36 10.66 -15.07
C LEU A 332 -4.74 11.34 -15.02
N LEU A 333 -5.77 10.57 -14.67
CA LEU A 333 -7.13 11.10 -14.54
C LEU A 333 -7.15 12.31 -13.61
N TYR A 334 -6.53 12.17 -12.44
CA TYR A 334 -6.51 13.26 -11.47
C TYR A 334 -5.56 14.40 -11.77
N GLY A 335 -4.47 14.17 -12.49
CA GLY A 335 -3.57 15.29 -12.67
C GLY A 335 -2.96 15.62 -14.02
N ALA A 336 -3.27 14.86 -15.05
CA ALA A 336 -2.68 15.15 -16.34
C ALA A 336 -3.70 15.80 -17.27
N PRO A 337 -3.29 16.86 -17.99
CA PRO A 337 -4.24 17.52 -18.89
C PRO A 337 -4.70 16.59 -20.03
N GLY A 338 -5.99 16.67 -20.36
CA GLY A 338 -6.53 15.86 -21.44
C GLY A 338 -7.31 14.61 -21.02
N PHE A 339 -7.20 14.24 -19.75
CA PHE A 339 -7.87 13.08 -19.22
C PHE A 339 -9.08 13.53 -18.42
N SER A 340 -10.22 12.88 -18.61
CA SER A 340 -11.44 13.23 -17.87
C SER A 340 -12.13 11.91 -17.56
N LYS A 341 -12.97 11.92 -16.54
CA LYS A 341 -13.67 10.72 -16.15
C LYS A 341 -14.75 10.30 -17.16
N ASP A 342 -15.41 11.29 -17.77
CA ASP A 342 -16.49 10.98 -18.70
C ASP A 342 -16.20 10.97 -20.19
N SER A 343 -14.94 11.05 -20.59
CA SER A 343 -14.61 10.94 -22.01
C SER A 343 -13.60 9.82 -22.17
N GLU A 344 -13.36 9.44 -23.42
CA GLU A 344 -12.43 8.39 -23.75
C GLU A 344 -10.99 8.86 -23.49
N SER A 345 -10.84 10.16 -23.29
CA SER A 345 -9.55 10.75 -23.01
C SER A 345 -8.47 10.47 -24.04
N LYS A 346 -8.77 10.70 -25.32
CA LYS A 346 -7.77 10.53 -26.37
C LYS A 346 -6.78 11.69 -26.16
N ILE A 347 -5.50 11.41 -26.24
CA ILE A 347 -4.50 12.43 -25.97
C ILE A 347 -3.70 12.91 -27.19
N SER A 348 -3.64 14.22 -27.37
CA SER A 348 -2.88 14.81 -28.49
C SER A 348 -1.41 14.77 -28.12
N ARG A 349 -0.53 15.05 -29.09
CA ARG A 349 0.93 15.07 -28.83
C ARG A 349 1.25 16.09 -27.76
N GLU A 350 0.59 17.23 -27.81
CA GLU A 350 0.84 18.27 -26.83
C GLU A 350 0.57 17.77 -25.41
N ASP A 351 -0.58 17.15 -25.19
CA ASP A 351 -0.90 16.64 -23.86
C ASP A 351 -0.02 15.45 -23.50
N PHE A 352 0.41 14.71 -24.50
CA PHE A 352 1.31 13.60 -24.24
C PHE A 352 2.60 14.16 -23.67
N MET A 353 3.14 15.15 -24.34
CA MET A 353 4.38 15.79 -23.92
C MET A 353 4.25 16.39 -22.53
N SER A 354 3.10 17.01 -22.24
CA SER A 354 2.87 17.58 -20.91
C SER A 354 2.80 16.43 -19.91
N GLY A 355 2.18 15.33 -20.32
CA GLY A 355 2.06 14.18 -19.44
C GLY A 355 3.38 13.55 -19.06
N VAL A 356 4.29 13.36 -20.01
CA VAL A 356 5.52 12.71 -19.62
C VAL A 356 6.33 13.62 -18.72
N LYS A 357 6.22 14.93 -18.93
CA LYS A 357 6.92 15.90 -18.09
C LYS A 357 6.42 15.74 -16.63
N LEU A 358 5.10 15.63 -16.48
CA LEU A 358 4.46 15.45 -15.19
C LEU A 358 4.85 14.08 -14.58
N SER A 359 4.99 13.06 -15.43
CA SER A 359 5.29 11.70 -14.97
C SER A 359 6.71 11.41 -14.52
N VAL A 360 7.66 12.15 -15.07
CA VAL A 360 9.07 11.95 -14.71
C VAL A 360 9.57 13.35 -14.37
N PRO A 361 9.05 13.93 -13.27
CA PRO A 361 9.38 15.26 -12.77
C PRO A 361 10.86 15.57 -12.60
N HIS A 362 11.61 14.55 -12.21
CA HIS A 362 13.04 14.68 -11.96
C HIS A 362 13.95 14.60 -13.20
N ALA A 363 13.37 14.49 -14.38
CA ALA A 363 14.16 14.32 -15.62
C ALA A 363 14.54 15.58 -16.39
N ASN A 364 15.77 15.61 -16.90
CA ASN A 364 16.17 16.74 -17.74
C ASN A 364 15.57 16.52 -19.14
N ASP A 365 15.72 17.49 -20.04
CA ASP A 365 15.17 17.35 -21.39
C ASP A 365 15.59 16.09 -22.15
N LEU A 366 16.85 15.69 -22.02
CA LEU A 366 17.30 14.49 -22.70
C LEU A 366 16.52 13.28 -22.16
N GLY A 367 16.35 13.22 -20.85
CA GLY A 367 15.60 12.14 -20.22
C GLY A 367 14.17 12.15 -20.72
N LEU A 368 13.55 13.32 -20.76
CA LEU A 368 12.19 13.41 -21.25
C LEU A 368 12.13 12.89 -22.67
N ASP A 369 13.15 13.18 -23.47
CA ASP A 369 13.19 12.69 -24.86
C ASP A 369 13.30 11.16 -24.91
N ALA A 370 14.16 10.58 -24.09
CA ALA A 370 14.36 9.13 -24.09
C ALA A 370 13.05 8.44 -23.75
N VAL A 371 12.31 8.99 -22.78
CA VAL A 371 11.02 8.40 -22.40
C VAL A 371 10.05 8.46 -23.59
N THR A 372 9.92 9.67 -24.14
CA THR A 372 9.03 9.91 -25.26
C THR A 372 9.31 8.98 -26.42
N LEU A 373 10.58 8.82 -26.77
CA LEU A 373 10.95 7.94 -27.86
C LEU A 373 10.58 6.50 -27.53
N GLN A 374 10.82 6.12 -26.28
CA GLN A 374 10.57 4.77 -25.83
C GLN A 374 9.10 4.38 -25.87
N TYR A 375 8.20 5.34 -25.74
CA TYR A 375 6.77 5.05 -25.73
C TYR A 375 5.96 5.58 -26.91
N THR A 376 6.62 6.13 -27.91
CA THR A 376 5.92 6.68 -29.05
C THR A 376 6.02 5.79 -30.27
N ASP A 377 4.89 5.49 -30.89
CA ASP A 377 4.89 4.71 -32.11
C ASP A 377 5.03 5.78 -33.19
N TRP A 378 6.24 5.99 -33.73
CA TRP A 378 6.46 7.06 -34.73
C TRP A 378 5.87 6.83 -36.11
N MET A 379 5.15 5.74 -36.23
CA MET A 379 4.53 5.36 -37.47
C MET A 379 3.07 5.79 -37.36
N ASP A 380 2.66 6.22 -36.17
CA ASP A 380 1.26 6.59 -35.91
C ASP A 380 1.22 7.45 -34.65
N ASP A 381 2.07 8.48 -34.63
CA ASP A 381 2.25 9.39 -33.49
C ASP A 381 1.07 10.27 -33.08
N ASN A 382 0.13 10.51 -33.98
CA ASN A 382 -1.03 11.32 -33.61
C ASN A 382 -2.25 10.50 -33.22
N ASN A 383 -2.00 9.22 -32.96
CA ASN A 383 -3.07 8.34 -32.57
C ASN A 383 -3.39 8.64 -31.11
N GLY A 384 -4.58 9.19 -30.86
CA GLY A 384 -5.04 9.56 -29.53
C GLY A 384 -5.15 8.46 -28.49
N ILE A 385 -5.48 7.25 -28.94
CA ILE A 385 -5.61 6.09 -28.05
C ILE A 385 -4.20 5.62 -27.63
N LYS A 386 -3.27 5.60 -28.57
CA LYS A 386 -1.89 5.17 -28.30
C LYS A 386 -1.18 6.12 -27.35
N ASN A 387 -1.44 7.41 -27.54
CA ASN A 387 -0.85 8.42 -26.69
C ASN A 387 -1.40 8.26 -25.27
N ARG A 388 -2.71 8.02 -25.16
CA ARG A 388 -3.33 7.84 -23.86
C ARG A 388 -2.77 6.59 -23.17
N ASP A 389 -2.85 5.44 -23.86
CA ASP A 389 -2.34 4.18 -23.32
C ASP A 389 -0.83 4.24 -23.06
N GLY A 390 -0.10 4.96 -23.90
CA GLY A 390 1.34 5.08 -23.72
C GLY A 390 1.64 5.82 -22.41
N LEU A 391 0.89 6.89 -22.16
CA LEU A 391 1.06 7.68 -20.95
C LEU A 391 0.67 6.80 -19.76
N ASP A 392 -0.40 6.02 -19.93
CA ASP A 392 -0.84 5.12 -18.88
C ASP A 392 0.33 4.15 -18.54
N ASP A 393 0.96 3.57 -19.56
CA ASP A 393 2.09 2.67 -19.32
C ASP A 393 3.31 3.36 -18.70
N ILE A 394 3.59 4.59 -19.12
CA ILE A 394 4.72 5.30 -18.56
C ILE A 394 4.55 5.48 -17.04
N VAL A 395 3.40 5.97 -16.63
CA VAL A 395 3.14 6.17 -15.21
C VAL A 395 3.21 4.84 -14.46
N GLY A 396 2.57 3.81 -15.02
CA GLY A 396 2.55 2.50 -14.39
C GLY A 396 3.94 1.87 -14.31
N ASP A 397 4.67 1.91 -15.41
CA ASP A 397 6.01 1.33 -15.44
C ASP A 397 7.00 2.02 -14.51
N HIS A 398 7.04 3.33 -14.57
CA HIS A 398 7.98 4.11 -13.77
C HIS A 398 7.73 4.05 -12.26
N ASN A 399 6.47 4.16 -11.89
CA ASN A 399 6.05 4.19 -10.51
C ASN A 399 5.77 2.89 -9.79
N VAL A 400 5.32 1.87 -10.51
CA VAL A 400 4.94 0.63 -9.85
C VAL A 400 5.62 -0.63 -10.38
N ILE A 401 5.36 -0.94 -11.64
CA ILE A 401 5.90 -2.15 -12.23
C ILE A 401 7.41 -2.31 -12.27
N CYS A 402 8.13 -1.36 -12.87
CA CYS A 402 9.58 -1.53 -12.93
C CYS A 402 10.26 -1.47 -11.55
N PRO A 403 9.77 -0.62 -10.64
CA PRO A 403 10.41 -0.60 -9.32
C PRO A 403 10.16 -1.97 -8.66
N LEU A 404 8.95 -2.51 -8.83
CA LEU A 404 8.66 -3.80 -8.25
C LEU A 404 9.50 -4.92 -8.90
N MET A 405 9.67 -4.84 -10.23
CA MET A 405 10.48 -5.85 -10.90
C MET A 405 11.94 -5.74 -10.42
N HIS A 406 12.41 -4.54 -10.15
CA HIS A 406 13.79 -4.40 -9.67
C HIS A 406 13.89 -5.01 -8.26
N PHE A 407 12.88 -4.76 -7.42
CA PHE A 407 12.88 -5.31 -6.07
C PHE A 407 12.85 -6.85 -6.13
N VAL A 408 11.94 -7.40 -6.94
CA VAL A 408 11.82 -8.84 -6.98
C VAL A 408 13.09 -9.52 -7.48
N ASN A 409 13.72 -8.94 -8.49
CA ASN A 409 14.94 -9.52 -8.99
C ASN A 409 16.06 -9.44 -7.94
N LYS A 410 16.12 -8.35 -7.17
CA LYS A 410 17.14 -8.24 -6.15
C LYS A 410 16.79 -9.14 -4.95
N TYR A 411 15.50 -9.23 -4.62
CA TYR A 411 15.12 -10.04 -3.48
C TYR A 411 15.35 -11.52 -3.76
N THR A 412 14.90 -11.96 -4.92
CA THR A 412 15.01 -13.37 -5.30
C THR A 412 16.43 -13.95 -5.19
N LYS A 413 17.44 -13.11 -5.36
CA LYS A 413 18.79 -13.59 -5.23
C LYS A 413 19.10 -14.11 -3.81
N PHE A 414 18.43 -13.57 -2.78
CA PHE A 414 18.70 -13.99 -1.40
C PHE A 414 17.50 -14.63 -0.66
N GLY A 415 16.29 -14.44 -1.18
CA GLY A 415 15.10 -14.96 -0.55
C GLY A 415 14.92 -16.47 -0.57
N ASN A 416 13.85 -16.93 0.06
CA ASN A 416 13.56 -18.35 0.14
C ASN A 416 12.36 -18.76 -0.71
N GLY A 417 11.94 -17.87 -1.60
CA GLY A 417 10.82 -18.19 -2.47
C GLY A 417 10.04 -16.97 -2.92
N THR A 418 9.86 -16.81 -4.22
CA THR A 418 9.15 -15.68 -4.78
C THR A 418 8.03 -16.13 -5.71
N TYR A 419 6.84 -15.58 -5.55
CA TYR A 419 5.73 -15.89 -6.45
C TYR A 419 5.24 -14.55 -7.03
N LEU A 420 5.26 -14.43 -8.35
CA LEU A 420 4.90 -13.19 -9.02
C LEU A 420 3.63 -13.26 -9.86
N TYR A 421 2.78 -12.24 -9.73
CA TYR A 421 1.57 -12.24 -10.54
C TYR A 421 1.39 -10.96 -11.34
N PHE A 422 0.51 -11.05 -12.33
CA PHE A 422 0.16 -9.91 -13.17
C PHE A 422 -1.34 -9.99 -13.24
N PHE A 423 -2.00 -9.08 -12.52
CA PHE A 423 -3.44 -9.04 -12.43
C PHE A 423 -4.00 -8.16 -13.54
N ASN A 424 -4.73 -8.78 -14.47
CA ASN A 424 -5.27 -8.04 -15.61
C ASN A 424 -6.72 -8.30 -15.95
N HIS A 425 -7.55 -8.45 -14.93
CA HIS A 425 -8.98 -8.64 -15.18
C HIS A 425 -9.71 -7.36 -14.79
N ARG A 426 -10.43 -6.75 -15.73
CA ARG A 426 -11.20 -5.57 -15.40
C ARG A 426 -12.55 -6.06 -14.84
N ALA A 427 -12.89 -5.67 -13.62
CA ALA A 427 -14.16 -6.08 -13.02
C ALA A 427 -15.32 -5.63 -13.91
N SER A 428 -16.31 -6.50 -14.05
CA SER A 428 -17.46 -6.23 -14.91
C SER A 428 -18.36 -5.12 -14.39
N ASN A 429 -18.30 -4.86 -13.08
CA ASN A 429 -19.13 -3.82 -12.49
C ASN A 429 -18.38 -2.53 -12.13
N LEU A 430 -17.20 -2.30 -12.72
CA LEU A 430 -16.40 -1.10 -12.44
C LEU A 430 -17.13 0.18 -12.86
N VAL A 431 -17.15 1.16 -11.97
CA VAL A 431 -17.84 2.40 -12.28
C VAL A 431 -16.94 3.41 -13.00
N TRP A 432 -15.63 3.17 -13.00
CA TRP A 432 -14.70 4.05 -13.69
C TRP A 432 -14.75 3.78 -15.18
N PRO A 433 -14.42 4.79 -16.00
CA PRO A 433 -14.47 4.57 -17.44
C PRO A 433 -13.55 3.46 -17.93
N GLU A 434 -13.85 2.97 -19.13
CA GLU A 434 -13.13 1.92 -19.81
C GLU A 434 -11.66 2.20 -20.07
N TRP A 435 -11.35 3.43 -20.48
CA TRP A 435 -9.98 3.76 -20.81
C TRP A 435 -8.97 3.52 -19.67
N MET A 436 -9.46 3.50 -18.43
CA MET A 436 -8.58 3.30 -17.27
C MET A 436 -8.15 1.85 -17.11
N GLY A 437 -8.85 0.94 -17.80
CA GLY A 437 -8.50 -0.47 -17.76
C GLY A 437 -8.58 -1.19 -16.43
N VAL A 438 -7.52 -1.91 -16.08
CA VAL A 438 -7.44 -2.63 -14.81
C VAL A 438 -6.71 -1.67 -13.86
N ILE A 439 -7.52 -0.89 -13.18
CA ILE A 439 -7.06 0.18 -12.31
C ILE A 439 -6.30 -0.17 -11.04
N HIS A 440 -5.40 0.75 -10.68
CA HIS A 440 -4.59 0.65 -9.48
C HIS A 440 -5.55 0.45 -8.31
N GLY A 441 -5.32 -0.57 -7.50
CA GLY A 441 -6.18 -0.82 -6.35
C GLY A 441 -7.42 -1.66 -6.57
N TYR A 442 -7.69 -2.08 -7.80
CA TYR A 442 -8.89 -2.87 -8.01
C TYR A 442 -8.73 -4.38 -8.01
N GLU A 443 -7.59 -4.86 -7.52
CA GLU A 443 -7.40 -6.29 -7.36
C GLU A 443 -7.78 -6.52 -5.87
N ILE A 444 -7.70 -5.46 -5.06
CA ILE A 444 -8.01 -5.58 -3.65
C ILE A 444 -9.37 -6.23 -3.39
N GLU A 445 -10.41 -5.77 -4.10
CA GLU A 445 -11.74 -6.33 -3.91
C GLU A 445 -11.78 -7.84 -4.15
N PHE A 446 -10.87 -8.35 -4.97
CA PHE A 446 -10.81 -9.78 -5.23
C PHE A 446 -10.03 -10.48 -4.14
N VAL A 447 -9.06 -9.77 -3.56
CA VAL A 447 -8.27 -10.36 -2.48
C VAL A 447 -9.16 -10.46 -1.25
N PHE A 448 -10.02 -9.47 -1.03
CA PHE A 448 -10.90 -9.49 0.12
C PHE A 448 -12.23 -10.22 -0.08
N GLY A 449 -12.45 -10.76 -1.28
CA GLY A 449 -13.64 -11.55 -1.51
C GLY A 449 -14.99 -10.93 -1.76
N LEU A 450 -15.04 -9.62 -2.05
CA LEU A 450 -16.30 -8.95 -2.33
C LEU A 450 -17.11 -9.67 -3.43
N PRO A 451 -16.45 -10.25 -4.43
CA PRO A 451 -17.24 -10.93 -5.47
C PRO A 451 -18.06 -12.12 -4.95
N LEU A 452 -17.93 -12.47 -3.67
CA LEU A 452 -18.72 -13.57 -3.15
C LEU A 452 -20.05 -13.02 -2.62
N VAL A 453 -20.18 -11.70 -2.58
CA VAL A 453 -21.39 -11.06 -2.10
C VAL A 453 -22.32 -10.77 -3.28
N LYS A 454 -23.36 -11.59 -3.40
CA LYS A 454 -24.33 -11.48 -4.49
C LYS A 454 -24.76 -10.07 -4.86
N GLU A 455 -25.20 -9.31 -3.86
CA GLU A 455 -25.68 -7.95 -4.05
C GLU A 455 -24.68 -7.02 -4.74
N LEU A 456 -23.41 -7.38 -4.73
CA LEU A 456 -22.40 -6.53 -5.35
C LEU A 456 -22.39 -6.60 -6.88
N ASN A 457 -23.02 -7.63 -7.42
CA ASN A 457 -23.15 -7.75 -8.86
C ASN A 457 -21.96 -8.16 -9.69
N TYR A 458 -21.15 -9.09 -9.20
CA TYR A 458 -20.01 -9.57 -9.98
C TYR A 458 -20.51 -10.82 -10.70
N THR A 459 -19.81 -11.24 -11.75
CA THR A 459 -20.19 -12.44 -12.47
C THR A 459 -19.78 -13.65 -11.66
N ALA A 460 -20.17 -14.84 -12.11
CA ALA A 460 -19.82 -16.09 -11.44
C ALA A 460 -18.33 -16.35 -11.60
N GLU A 461 -17.78 -16.01 -12.77
CA GLU A 461 -16.35 -16.23 -12.99
C GLU A 461 -15.53 -15.28 -12.10
N GLU A 462 -16.10 -14.12 -11.77
CA GLU A 462 -15.40 -13.19 -10.92
C GLU A 462 -15.39 -13.69 -9.49
N GLU A 463 -16.41 -14.47 -9.12
CA GLU A 463 -16.44 -15.03 -7.78
C GLU A 463 -15.39 -16.14 -7.76
N ALA A 464 -15.35 -16.92 -8.83
CA ALA A 464 -14.39 -18.01 -8.92
C ALA A 464 -12.96 -17.47 -8.87
N LEU A 465 -12.73 -16.32 -9.51
CA LEU A 465 -11.39 -15.71 -9.51
C LEU A 465 -11.03 -15.25 -8.09
N SER A 466 -11.97 -14.57 -7.45
CA SER A 466 -11.76 -14.10 -6.08
C SER A 466 -11.51 -15.27 -5.15
N ARG A 467 -12.26 -16.35 -5.32
CA ARG A 467 -12.06 -17.51 -4.45
C ARG A 467 -10.66 -18.06 -4.66
N ARG A 468 -10.25 -18.15 -5.92
CA ARG A 468 -8.92 -18.66 -6.22
C ARG A 468 -7.78 -17.76 -5.70
N ILE A 469 -7.95 -16.45 -5.77
CA ILE A 469 -6.93 -15.52 -5.30
C ILE A 469 -6.84 -15.60 -3.77
N MET A 470 -7.99 -15.57 -3.11
CA MET A 470 -8.02 -15.66 -1.65
C MET A 470 -7.33 -16.94 -1.18
N HIS A 471 -7.55 -18.02 -1.93
CA HIS A 471 -6.96 -19.28 -1.54
C HIS A 471 -5.44 -19.27 -1.83
N TYR A 472 -5.01 -18.53 -2.84
CA TYR A 472 -3.58 -18.42 -3.13
C TYR A 472 -2.93 -17.64 -1.97
N TRP A 473 -3.49 -16.46 -1.68
CA TRP A 473 -2.98 -15.62 -0.61
C TRP A 473 -2.92 -16.36 0.74
N ALA A 474 -4.04 -16.98 1.12
CA ALA A 474 -4.09 -17.66 2.41
C ALA A 474 -3.22 -18.90 2.46
N THR A 475 -3.18 -19.68 1.38
CA THR A 475 -2.33 -20.88 1.36
C THR A 475 -0.86 -20.46 1.43
N PHE A 476 -0.56 -19.35 0.78
CA PHE A 476 0.81 -18.85 0.81
C PHE A 476 1.10 -18.39 2.23
N ALA A 477 0.14 -17.72 2.86
CA ALA A 477 0.39 -17.24 4.22
C ALA A 477 0.68 -18.39 5.17
N LYS A 478 -0.04 -19.50 4.98
CA LYS A 478 0.11 -20.66 5.84
C LYS A 478 1.37 -21.46 5.62
N THR A 479 1.70 -21.67 4.34
CA THR A 479 2.83 -22.50 3.97
C THR A 479 4.04 -21.86 3.31
N GLY A 480 3.89 -20.69 2.69
CA GLY A 480 5.01 -20.07 1.99
C GLY A 480 4.96 -20.44 0.52
N ASN A 481 3.83 -21.04 0.12
CA ASN A 481 3.60 -21.48 -1.25
C ASN A 481 2.09 -21.31 -1.51
N PRO A 482 1.70 -20.57 -2.57
CA PRO A 482 0.28 -20.36 -2.88
C PRO A 482 -0.44 -21.63 -3.39
N ASN A 483 0.34 -22.64 -3.75
CA ASN A 483 -0.20 -23.89 -4.28
C ASN A 483 -0.50 -24.96 -3.23
N GLU A 484 -1.58 -25.68 -3.47
CA GLU A 484 -1.99 -26.79 -2.61
C GLU A 484 -1.04 -27.94 -2.94
N PRO A 485 -0.42 -28.54 -1.92
CA PRO A 485 0.53 -29.66 -2.07
C PRO A 485 0.29 -30.62 -3.23
N HIS A 486 -0.73 -31.48 -3.11
CA HIS A 486 -1.01 -32.47 -4.14
C HIS A 486 -2.25 -32.16 -4.98
N SER A 487 -2.61 -30.88 -5.05
CA SER A 487 -3.76 -30.44 -5.82
C SER A 487 -3.64 -30.83 -7.29
N GLN A 488 -4.76 -30.73 -8.02
CA GLN A 488 -4.76 -31.06 -9.43
C GLN A 488 -4.79 -29.79 -10.30
N GLU A 489 -5.05 -28.65 -9.65
CA GLU A 489 -5.09 -27.37 -10.35
C GLU A 489 -3.72 -26.99 -10.89
N SER A 490 -3.71 -26.13 -11.91
CA SER A 490 -2.44 -25.70 -12.51
C SER A 490 -1.58 -24.99 -11.47
N LYS A 491 -0.28 -25.27 -11.50
CA LYS A 491 0.65 -24.71 -10.54
C LYS A 491 1.23 -23.34 -10.87
N TRP A 492 1.19 -22.46 -9.86
CA TRP A 492 1.74 -21.12 -9.97
C TRP A 492 3.20 -21.40 -9.76
N PRO A 493 4.02 -21.28 -10.81
CA PRO A 493 5.45 -21.54 -10.64
C PRO A 493 6.23 -20.50 -9.84
N LEU A 494 7.30 -20.97 -9.21
CA LEU A 494 8.16 -20.13 -8.43
C LEU A 494 8.91 -19.19 -9.37
N PHE A 495 9.13 -17.95 -8.94
CA PHE A 495 9.88 -17.02 -9.77
C PHE A 495 11.36 -17.25 -9.40
N THR A 496 12.20 -17.47 -10.39
CA THR A 496 13.62 -17.70 -10.13
C THR A 496 14.44 -16.68 -10.90
N THR A 497 15.66 -16.44 -10.44
CA THR A 497 16.57 -15.49 -11.07
C THR A 497 16.74 -15.85 -12.54
N LYS A 498 16.81 -17.15 -12.80
CA LYS A 498 17.00 -17.64 -14.16
C LYS A 498 15.79 -17.54 -15.06
N GLU A 499 14.73 -18.29 -14.74
CA GLU A 499 13.55 -18.31 -15.59
C GLU A 499 12.56 -17.14 -15.39
N GLN A 500 12.60 -16.52 -14.22
CA GLN A 500 11.74 -15.34 -13.96
C GLN A 500 10.27 -15.48 -14.35
N LYS A 501 9.66 -16.60 -13.98
CA LYS A 501 8.28 -16.87 -14.34
C LYS A 501 7.25 -16.14 -13.50
N PHE A 502 6.09 -15.92 -14.11
CA PHE A 502 5.01 -15.28 -13.40
C PHE A 502 3.71 -15.73 -14.03
N ILE A 503 2.60 -15.45 -13.37
CA ILE A 503 1.33 -15.86 -13.94
C ILE A 503 0.41 -14.68 -14.07
N ASP A 504 -0.61 -14.82 -14.89
CA ASP A 504 -1.59 -13.77 -15.04
C ASP A 504 -2.61 -14.17 -13.98
N LEU A 505 -3.42 -13.21 -13.59
CA LEU A 505 -4.43 -13.46 -12.60
C LEU A 505 -5.69 -12.89 -13.23
N ASN A 506 -6.54 -13.77 -13.77
CA ASN A 506 -7.79 -13.36 -14.41
C ASN A 506 -8.75 -14.54 -14.50
N THR A 507 -9.92 -14.34 -15.09
CA THR A 507 -10.92 -15.41 -15.18
C THR A 507 -10.62 -16.53 -16.21
N GLU A 508 -9.57 -16.35 -17.00
CA GLU A 508 -9.19 -17.35 -18.00
C GLU A 508 -8.24 -18.38 -17.40
N PRO A 509 -8.03 -19.51 -18.10
CA PRO A 509 -7.12 -20.54 -17.58
C PRO A 509 -5.71 -20.02 -17.33
N MET A 510 -5.18 -20.32 -16.16
CA MET A 510 -3.83 -19.87 -15.82
C MET A 510 -2.93 -19.98 -17.02
N LYS A 511 -2.05 -19.01 -17.15
CA LYS A 511 -1.10 -18.93 -18.23
C LYS A 511 0.19 -18.39 -17.62
N VAL A 512 1.28 -19.14 -17.76
CA VAL A 512 2.58 -18.75 -17.24
C VAL A 512 3.38 -17.97 -18.28
N HIS A 513 4.02 -16.91 -17.83
CA HIS A 513 4.84 -16.05 -18.69
C HIS A 513 6.19 -15.84 -18.07
N GLN A 514 7.05 -15.10 -18.78
CA GLN A 514 8.38 -14.81 -18.30
C GLN A 514 8.82 -13.37 -18.52
N ARG A 515 9.70 -12.90 -17.64
CA ARG A 515 10.25 -11.56 -17.74
C ARG A 515 9.23 -10.45 -17.92
N LEU A 516 8.42 -10.27 -16.87
CA LEU A 516 7.40 -9.24 -16.83
C LEU A 516 7.95 -7.88 -17.21
N ARG A 517 7.48 -7.37 -18.36
CA ARG A 517 7.86 -6.08 -18.91
C ARG A 517 9.35 -5.76 -18.91
N VAL A 518 10.19 -6.74 -19.24
CA VAL A 518 11.64 -6.50 -19.25
C VAL A 518 12.09 -5.34 -20.14
N GLN A 519 11.58 -5.29 -21.36
CA GLN A 519 11.99 -4.24 -22.28
C GLN A 519 11.87 -2.87 -21.62
N MET A 520 10.69 -2.58 -21.10
CA MET A 520 10.44 -1.30 -20.48
C MET A 520 11.18 -1.11 -19.16
N CYS A 521 11.35 -2.18 -18.39
CA CYS A 521 12.03 -2.05 -17.12
C CYS A 521 13.55 -1.95 -17.26
N VAL A 522 14.11 -2.48 -18.34
CA VAL A 522 15.55 -2.30 -18.54
C VAL A 522 15.71 -0.78 -18.78
N PHE A 523 14.74 -0.17 -19.47
CA PHE A 523 14.80 1.27 -19.72
C PHE A 523 14.69 2.07 -18.42
N TRP A 524 13.68 1.76 -17.61
CA TRP A 524 13.51 2.48 -16.35
C TRP A 524 14.48 2.12 -15.25
N ASN A 525 14.96 0.89 -15.23
CA ASN A 525 15.89 0.50 -14.17
C ASN A 525 17.38 0.60 -14.49
N GLN A 526 17.75 0.53 -15.76
CA GLN A 526 19.16 0.59 -16.13
C GLN A 526 19.52 1.82 -16.97
N PHE A 527 18.90 1.95 -18.14
CA PHE A 527 19.21 3.06 -19.02
C PHE A 527 18.90 4.49 -18.55
N LEU A 528 17.64 4.82 -18.29
CA LEU A 528 17.32 6.17 -17.87
C LEU A 528 18.12 6.68 -16.65
N PRO A 529 18.24 5.87 -15.59
CA PRO A 529 19.00 6.34 -14.42
C PRO A 529 20.45 6.66 -14.84
N LYS A 530 21.02 5.78 -15.66
CA LYS A 530 22.38 6.01 -16.14
C LYS A 530 22.41 7.32 -16.96
N LEU A 531 21.40 7.52 -17.79
CA LEU A 531 21.32 8.72 -18.59
C LEU A 531 21.21 9.98 -17.71
N LEU A 532 20.34 9.95 -16.71
CA LEU A 532 20.16 11.10 -15.82
C LEU A 532 21.41 11.39 -14.97
N ASN A 533 22.13 10.35 -14.57
CA ASN A 533 23.36 10.53 -13.77
C ASN A 533 24.48 11.12 -14.63
N ALA A 534 24.57 10.68 -15.88
CA ALA A 534 25.61 11.15 -16.77
C ALA A 534 25.33 12.56 -17.28
N THR A 535 24.05 12.90 -17.39
CA THR A 535 23.65 14.22 -17.89
C THR A 535 22.90 15.00 -16.81
C1 NAG B . -20.17 -0.74 22.41
C2 NAG B . -21.62 -1.00 22.82
C3 NAG B . -22.49 -0.72 21.60
C4 NAG B . -22.29 0.76 21.16
C5 NAG B . -20.80 1.11 20.98
C6 NAG B . -20.54 2.61 20.83
C7 NAG B . -21.61 -2.61 24.63
C8 NAG B . -21.86 -4.05 25.08
N2 NAG B . -21.78 -2.35 23.32
O3 NAG B . -23.86 -0.95 21.93
O4 NAG B . -22.98 1.00 19.94
O5 NAG B . -20.01 0.66 22.12
O6 NAG B . -21.57 3.28 20.09
O7 NAG B . -21.28 -1.75 25.46
C1 NAG C . 14.28 -22.40 1.44
C2 NAG C . 14.74 -23.07 0.15
C3 NAG C . 14.89 -24.59 0.33
C4 NAG C . 15.68 -24.94 1.60
C5 NAG C . 15.09 -24.19 2.80
C6 NAG C . 15.89 -24.42 4.08
C7 NAG C . 14.08 -21.84 -1.82
C8 NAG C . 13.09 -21.65 -2.96
N2 NAG C . 13.81 -22.79 -0.92
O3 NAG C . 15.57 -25.12 -0.81
O4 NAG C . 15.63 -26.34 1.84
O5 NAG C . 15.12 -22.77 2.54
O6 NAG C . 16.88 -23.42 4.29
O7 NAG C . 15.08 -21.14 -1.76
OH2 1PE D . -7.09 19.65 -3.16
C12 1PE D . -5.93 20.37 -2.68
C22 1PE D . -4.81 20.39 -3.74
OH3 1PE D . -4.85 19.18 -4.52
C13 1PE D . -3.60 17.62 -5.92
C23 1PE D . -3.58 18.96 -5.15
OH4 1PE D . -3.90 16.55 -5.02
C14 1PE D . -4.27 14.17 -5.04
C24 1PE D . -4.50 15.49 -5.76
OH5 1PE D . -4.56 13.09 -5.92
C15 1PE D . -3.58 10.89 -6.05
C25 1PE D . -3.36 12.39 -6.26
OH6 1PE D . -4.42 10.37 -7.10
C16 1PE D . -5.87 8.41 -6.99
C26 1PE D . -5.63 9.85 -6.53
OH7 1PE D . -7.10 7.93 -6.44
C1 GSG E . -2.58 5.35 -3.89
C2 GSG E . -3.93 4.99 -3.47
C3 GSG E . -4.82 6.09 -3.19
C4 GSG E . -4.41 7.43 -3.32
C5 GSG E . -3.11 7.73 -3.72
C6 GSG E . -2.19 6.70 -4.01
N1 GSG E . -1.59 4.33 -4.08
C7 GSG E . -0.94 3.68 -3.11
O1 GSG E . -0.96 3.95 -1.93
C8 GSG E . -4.41 3.54 -3.33
C9 GSG E . -5.59 3.34 -2.38
O1 MES F . 17.95 -11.51 -16.34
C2 MES F . 18.42 -10.53 -15.39
C3 MES F . 17.23 -9.74 -14.84
N4 MES F . 16.51 -9.11 -15.94
C5 MES F . 16.06 -10.11 -16.93
C6 MES F . 17.27 -10.89 -17.45
C7 MES F . 15.35 -8.36 -15.43
C8 MES F . 15.74 -6.89 -15.23
S MES F . 14.40 -5.87 -14.52
O1S MES F . 14.74 -4.46 -14.91
O2S MES F . 14.46 -6.11 -13.04
O3S MES F . 13.14 -6.38 -15.15
O1 MES G . 5.06 23.52 -8.72
C2 MES G . 6.38 23.01 -8.47
C3 MES G . 6.67 23.12 -6.98
N4 MES G . 6.53 24.53 -6.56
C5 MES G . 5.19 25.05 -6.85
C6 MES G . 4.94 24.90 -8.35
C7 MES G . 6.80 24.66 -5.12
C8 MES G . 8.31 24.74 -4.87
S MES G . 8.69 25.01 -3.10
O1S MES G . 10.19 25.06 -3.04
O2S MES G . 8.08 23.85 -2.38
O3S MES G . 8.04 26.33 -2.77
#